data_5JXJ
#
_entry.id   5JXJ
#
_cell.length_a   132.080
_cell.length_b   132.080
_cell.length_c   155.642
_cell.angle_alpha   90.00
_cell.angle_beta   90.00
_cell.angle_gamma   120.00
#
_symmetry.space_group_name_H-M   'P 65 2 2'
#
loop_
_entity.id
_entity.type
_entity.pdbx_description
1 polymer Furin
2 polymer 2UC-ARG-VAL-ARG-00S
3 non-polymer 'CALCIUM ION'
4 non-polymer 'SODIUM ION'
5 non-polymer 'CHLORIDE ION'
6 water water
#
loop_
_entity_poly.entity_id
_entity_poly.type
_entity_poly.pdbx_seq_one_letter_code
_entity_poly.pdbx_strand_id
1 'polypeptide(L)'
;DVYQEPTDPKFPQQWYLSGVTQRDLNVKAAWAQGYTGHGIVVSILDDGIEKNHPDLAGNYDPGASFDVNDQDPDPQPRYT
QMNDNRHGTRCAGEVAAVANNGVCGVGVAYNARIGGVRMLDGEVTDAVEARSLGLNPNHIHIYSASWGPEDDGKTVDGPA
RLAEEAFFRGVSQGRGGLGSIFVWASGNGGREHDSCNCDGYTNSIYTLSISSATQFGNVPWYSEACSSTLATTYSSGNQN
EKQIVTTDLRQKCTESHTGTSASAPLAAGIIALTLEANKNLTWRDMQHLVVQTSKPAHLNANDWATNGVGRKVSHSYGYG
LLDAGAMVALAQNWTTVAPQRKCIIDILTEPKDIGKRLEVRKTVTACLGEPNHITRLEHAQARLTLSYNRRGDLAIHLVS
PMGTRSTLLAARPHDYSADGFNDWAFMTTHSWDEDPSGEWVLEIENTSEANNYGTLTKFTLVLYGTASGSLVPRGSHHHH
HH
;
A
2 'polypeptide(L)' (2UC)RVR(00S) H
#
# COMPACT_ATOMS: atom_id res chain seq x y z
N VAL A 2 7.53 -9.60 -33.13
CA VAL A 2 6.52 -9.64 -32.09
C VAL A 2 7.13 -10.04 -30.75
N TYR A 3 6.41 -9.80 -29.66
CA TYR A 3 6.98 -10.04 -28.34
C TYR A 3 7.21 -11.53 -28.06
N GLN A 4 8.41 -11.84 -27.58
CA GLN A 4 8.72 -13.19 -27.12
C GLN A 4 8.86 -13.17 -25.59
N GLU A 5 8.07 -14.00 -24.92
CA GLU A 5 8.12 -14.07 -23.46
C GLU A 5 9.45 -14.65 -22.99
N PRO A 6 9.83 -14.39 -21.71
CA PRO A 6 11.10 -14.89 -21.18
C PRO A 6 11.23 -16.41 -21.25
N THR A 7 12.48 -16.87 -21.37
CA THR A 7 12.76 -18.30 -21.50
C THR A 7 13.36 -18.87 -20.23
N ASP A 8 13.46 -18.04 -19.20
CA ASP A 8 14.03 -18.45 -17.91
C ASP A 8 13.40 -19.74 -17.39
N PRO A 9 14.20 -20.59 -16.71
CA PRO A 9 13.76 -21.94 -16.35
C PRO A 9 12.52 -21.97 -15.48
N LYS A 10 12.36 -20.97 -14.60
CA LYS A 10 11.23 -20.98 -13.69
C LYS A 10 10.11 -20.02 -14.08
N PHE A 11 10.28 -19.31 -15.21
CA PHE A 11 9.20 -18.45 -15.69
C PHE A 11 7.84 -19.16 -15.84
N PRO A 12 7.83 -20.42 -16.33
CA PRO A 12 6.53 -21.09 -16.44
C PRO A 12 5.83 -21.32 -15.10
N GLN A 13 6.57 -21.24 -14.00
CA GLN A 13 6.00 -21.35 -12.66
C GLN A 13 5.49 -20.01 -12.11
N GLN A 14 5.76 -18.93 -12.82
CA GLN A 14 5.32 -17.60 -12.36
C GLN A 14 3.89 -17.32 -12.82
N TRP A 15 2.98 -18.11 -12.25
CA TRP A 15 1.56 -18.11 -12.60
C TRP A 15 0.90 -16.73 -12.50
N TYR A 16 1.46 -15.86 -11.68
CA TYR A 16 0.83 -14.57 -11.36
C TYR A 16 1.23 -13.50 -12.37
N LEU A 17 2.20 -13.81 -13.23
CA LEU A 17 2.65 -12.82 -14.23
C LEU A 17 1.79 -12.88 -15.49
N SER A 18 1.44 -14.11 -15.89
CA SER A 18 0.64 -14.31 -17.09
C SER A 18 0.08 -15.72 -17.14
N GLY A 19 -0.97 -15.89 -17.93
CA GLY A 19 -1.52 -17.20 -18.20
C GLY A 19 -2.77 -17.05 -19.05
N VAL A 20 -3.28 -18.17 -19.54
CA VAL A 20 -4.56 -18.19 -20.23
C VAL A 20 -5.69 -17.88 -19.25
N THR A 21 -5.49 -18.26 -17.99
CA THR A 21 -6.54 -18.39 -16.99
C THR A 21 -7.31 -17.12 -16.60
N GLN A 22 -6.68 -15.96 -16.80
CA GLN A 22 -7.17 -14.64 -16.31
C GLN A 22 -6.89 -14.44 -14.81
N ARG A 23 -6.37 -15.47 -14.15
CA ARG A 23 -5.91 -15.34 -12.77
C ARG A 23 -4.46 -14.84 -12.74
N ASP A 24 -4.22 -13.64 -13.26
CA ASP A 24 -2.88 -13.07 -13.20
C ASP A 24 -2.91 -11.53 -13.20
N LEU A 25 -1.74 -10.93 -13.13
CA LEU A 25 -1.60 -9.48 -12.98
C LEU A 25 -1.43 -8.81 -14.33
N ASN A 26 -1.54 -9.61 -15.40
CA ASN A 26 -1.58 -9.09 -16.77
C ASN A 26 -0.31 -8.33 -17.11
N VAL A 27 0.83 -8.91 -16.72
CA VAL A 27 2.12 -8.25 -16.88
C VAL A 27 2.68 -8.46 -18.29
N LYS A 28 2.44 -9.63 -18.86
CA LYS A 28 2.91 -9.92 -20.21
C LYS A 28 2.35 -8.92 -21.21
N ALA A 29 1.09 -8.55 -21.02
CA ALA A 29 0.47 -7.52 -21.85
C ALA A 29 1.21 -6.18 -21.79
N ALA A 30 1.78 -5.84 -20.62
CA ALA A 30 2.58 -4.62 -20.53
C ALA A 30 3.91 -4.79 -21.25
N TRP A 31 4.58 -5.91 -21.01
CA TRP A 31 5.81 -6.24 -21.73
C TRP A 31 5.63 -6.13 -23.26
N ALA A 32 4.52 -6.67 -23.75
CA ALA A 32 4.26 -6.68 -25.18
C ALA A 32 4.04 -5.27 -25.75
N GLN A 33 3.60 -4.34 -24.90
CA GLN A 33 3.44 -2.95 -25.29
C GLN A 33 4.80 -2.25 -25.27
N GLY A 34 5.85 -2.97 -24.91
CA GLY A 34 7.20 -2.43 -24.89
C GLY A 34 7.74 -1.93 -23.55
N TYR A 35 7.01 -2.20 -22.46
CA TYR A 35 7.43 -1.70 -21.15
C TYR A 35 7.96 -2.81 -20.25
N THR A 36 9.24 -2.69 -19.90
CA THR A 36 9.90 -3.69 -19.08
C THR A 36 10.63 -3.06 -17.89
N GLY A 37 10.45 -1.76 -17.71
CA GLY A 37 11.07 -1.10 -16.57
C GLY A 37 12.35 -0.35 -16.88
N HIS A 38 12.76 -0.33 -18.14
N HIS A 38 12.77 -0.34 -18.14
CA HIS A 38 13.99 0.36 -18.52
CA HIS A 38 13.94 0.41 -18.59
C HIS A 38 13.97 1.82 -18.10
C HIS A 38 13.95 1.83 -18.07
N GLY A 39 15.01 2.23 -17.39
CA GLY A 39 15.17 3.61 -16.98
C GLY A 39 14.59 3.91 -15.60
N ILE A 40 13.90 2.95 -15.02
CA ILE A 40 13.26 3.16 -13.72
C ILE A 40 14.09 2.54 -12.61
N VAL A 41 14.11 3.20 -11.45
CA VAL A 41 14.92 2.77 -10.32
C VAL A 41 14.03 2.42 -9.13
N VAL A 42 14.15 1.19 -8.63
CA VAL A 42 13.37 0.75 -7.48
C VAL A 42 14.31 0.38 -6.35
N SER A 43 13.98 0.78 -5.12
CA SER A 43 14.77 0.36 -3.98
C SER A 43 13.95 -0.46 -3.00
N ILE A 44 14.50 -1.60 -2.59
CA ILE A 44 13.89 -2.46 -1.59
C ILE A 44 14.41 -2.07 -0.19
N LEU A 45 13.54 -1.52 0.65
CA LEU A 45 13.95 -1.19 2.02
C LEU A 45 13.72 -2.40 2.91
N ASP A 46 14.79 -3.07 3.33
CA ASP A 46 14.59 -4.35 3.98
C ASP A 46 15.85 -4.79 4.72
N ASP A 47 16.19 -6.08 4.69
CA ASP A 47 17.33 -6.57 5.47
C ASP A 47 18.60 -6.71 4.63
N GLY A 48 18.59 -6.09 3.45
CA GLY A 48 19.74 -6.14 2.56
C GLY A 48 19.40 -6.76 1.21
N ILE A 49 20.32 -6.64 0.26
CA ILE A 49 20.13 -7.25 -1.05
C ILE A 49 21.42 -7.92 -1.53
N GLU A 50 21.30 -9.17 -1.96
CA GLU A 50 22.48 -9.90 -2.42
C GLU A 50 22.86 -9.35 -3.79
N LYS A 51 23.73 -8.35 -3.81
CA LYS A 51 23.95 -7.57 -5.01
C LYS A 51 24.66 -8.36 -6.10
N ASN A 52 25.26 -9.49 -5.73
CA ASN A 52 25.99 -10.32 -6.66
C ASN A 52 25.20 -11.55 -7.11
N HIS A 53 23.95 -11.65 -6.68
CA HIS A 53 23.08 -12.75 -7.08
C HIS A 53 23.02 -12.85 -8.61
N PRO A 54 23.14 -14.08 -9.16
CA PRO A 54 23.09 -14.32 -10.61
C PRO A 54 21.87 -13.70 -11.32
N ASP A 55 20.76 -13.53 -10.61
CA ASP A 55 19.59 -12.96 -11.25
C ASP A 55 19.32 -11.51 -10.84
N LEU A 56 20.23 -10.92 -10.07
CA LEU A 56 20.10 -9.50 -9.70
C LEU A 56 21.24 -8.64 -10.19
N ALA A 57 22.42 -9.25 -10.34
CA ALA A 57 23.64 -8.51 -10.62
C ALA A 57 23.52 -7.62 -11.87
N GLY A 58 22.87 -8.13 -12.91
CA GLY A 58 22.71 -7.39 -14.15
C GLY A 58 21.89 -6.11 -14.01
N ASN A 59 21.01 -6.08 -13.01
CA ASN A 59 20.13 -4.93 -12.80
C ASN A 59 20.49 -4.13 -11.55
N TYR A 60 21.49 -4.59 -10.81
CA TYR A 60 21.83 -3.93 -9.54
C TYR A 60 22.29 -2.46 -9.71
N ASP A 61 21.85 -1.62 -8.78
CA ASP A 61 22.18 -0.19 -8.81
C ASP A 61 22.66 0.23 -7.43
N PRO A 62 23.98 0.49 -7.30
CA PRO A 62 24.51 0.96 -6.02
C PRO A 62 23.95 2.32 -5.63
N GLY A 63 23.52 3.12 -6.61
CA GLY A 63 22.93 4.43 -6.34
C GLY A 63 21.55 4.32 -5.69
N ALA A 64 21.01 3.11 -5.69
CA ALA A 64 19.70 2.86 -5.11
C ALA A 64 19.84 2.06 -3.81
N SER A 65 21.04 2.05 -3.28
CA SER A 65 21.35 1.14 -2.19
C SER A 65 22.13 1.83 -1.10
N PHE A 66 21.96 1.34 0.12
CA PHE A 66 22.75 1.81 1.25
C PHE A 66 22.59 0.82 2.39
N ASP A 67 23.54 0.84 3.32
CA ASP A 67 23.40 0.07 4.54
C ASP A 67 23.24 1.06 5.69
N VAL A 68 22.00 1.24 6.14
CA VAL A 68 21.70 2.18 7.22
C VAL A 68 22.02 1.55 8.57
N ASN A 69 21.92 0.22 8.67
CA ASN A 69 22.24 -0.48 9.91
C ASN A 69 23.71 -0.35 10.31
N ASP A 70 24.61 -0.46 9.34
CA ASP A 70 26.05 -0.36 9.61
C ASP A 70 26.64 0.99 9.18
N GLN A 71 25.83 1.79 8.50
CA GLN A 71 26.24 3.12 8.05
C GLN A 71 27.40 3.05 7.04
N ASP A 72 27.19 2.32 5.95
CA ASP A 72 28.13 2.27 4.84
C ASP A 72 27.35 2.04 3.54
N PRO A 73 28.01 2.16 2.37
CA PRO A 73 27.24 2.05 1.13
C PRO A 73 26.78 0.65 0.73
N ASP A 74 27.39 -0.40 1.29
CA ASP A 74 27.20 -1.76 0.78
C ASP A 74 26.04 -2.48 1.49
N PRO A 75 24.97 -2.77 0.74
CA PRO A 75 23.76 -3.36 1.33
C PRO A 75 23.78 -4.89 1.42
N GLN A 76 24.94 -5.52 1.28
CA GLN A 76 25.02 -6.98 1.30
C GLN A 76 24.37 -7.53 2.57
N PRO A 77 23.56 -8.58 2.44
CA PRO A 77 22.97 -9.17 3.65
C PRO A 77 24.02 -9.78 4.56
N ARG A 78 23.76 -9.80 5.85
CA ARG A 78 24.58 -10.47 6.83
C ARG A 78 24.28 -11.96 6.81
N TYR A 79 25.25 -12.78 6.41
CA TYR A 79 25.00 -14.20 6.30
C TYR A 79 25.01 -14.85 7.67
N THR A 80 24.02 -15.69 7.92
CA THR A 80 23.90 -16.44 9.17
C THR A 80 23.42 -17.85 8.82
N GLN A 81 23.55 -18.78 9.76
CA GLN A 81 23.13 -20.16 9.53
C GLN A 81 21.63 -20.28 9.27
N MET A 82 20.83 -19.48 9.95
CA MET A 82 19.38 -19.51 9.79
C MET A 82 18.91 -18.80 8.52
N ASN A 83 19.83 -18.13 7.83
CA ASN A 83 19.50 -17.29 6.67
C ASN A 83 18.41 -16.27 6.98
N ASP A 84 18.52 -15.64 8.15
CA ASP A 84 17.58 -14.60 8.59
C ASP A 84 17.41 -13.49 7.55
N ASN A 85 18.51 -13.11 6.91
CA ASN A 85 18.50 -11.92 6.08
C ASN A 85 18.30 -12.20 4.60
N ARG A 86 17.38 -13.12 4.31
CA ARG A 86 17.07 -13.50 2.94
C ARG A 86 15.91 -12.68 2.38
N HIS A 87 15.23 -11.96 3.27
CA HIS A 87 13.92 -11.36 2.98
C HIS A 87 13.98 -10.31 1.87
N GLY A 88 14.93 -9.38 1.98
CA GLY A 88 15.08 -8.33 0.98
C GLY A 88 15.47 -8.84 -0.39
N THR A 89 16.33 -9.87 -0.42
CA THR A 89 16.73 -10.47 -1.70
C THR A 89 15.53 -11.10 -2.41
N ARG A 90 14.71 -11.82 -1.66
CA ARG A 90 13.47 -12.36 -2.20
C ARG A 90 12.56 -11.26 -2.77
N CYS A 91 12.41 -10.16 -2.02
CA CYS A 91 11.57 -9.07 -2.49
C CYS A 91 12.15 -8.43 -3.75
N ALA A 92 13.47 -8.26 -3.79
CA ALA A 92 14.13 -7.59 -4.91
C ALA A 92 13.92 -8.33 -6.24
N GLY A 93 14.01 -9.66 -6.18
CA GLY A 93 13.85 -10.50 -7.37
C GLY A 93 12.45 -10.44 -7.97
N GLU A 94 11.46 -10.19 -7.12
CA GLU A 94 10.09 -10.03 -7.61
C GLU A 94 9.98 -8.83 -8.52
N VAL A 95 10.71 -7.78 -8.16
CA VAL A 95 10.68 -6.54 -8.92
C VAL A 95 11.47 -6.67 -10.20
N ALA A 96 12.71 -7.14 -10.09
CA ALA A 96 13.68 -6.90 -11.15
C ALA A 96 14.67 -8.04 -11.38
N ALA A 97 14.27 -9.28 -11.15
CA ALA A 97 15.16 -10.38 -11.55
C ALA A 97 15.37 -10.32 -13.07
N VAL A 98 16.61 -10.57 -13.50
CA VAL A 98 16.98 -10.47 -14.91
C VAL A 98 16.23 -11.52 -15.76
N ALA A 99 15.85 -11.15 -16.98
CA ALA A 99 15.13 -12.07 -17.84
C ALA A 99 16.07 -12.72 -18.88
N ASN A 100 15.66 -13.89 -19.38
CA ASN A 100 16.35 -14.53 -20.50
C ASN A 100 17.83 -14.81 -20.24
N ASN A 101 18.15 -15.22 -19.02
CA ASN A 101 19.54 -15.46 -18.67
C ASN A 101 19.74 -16.87 -18.11
N GLY A 102 18.77 -17.75 -18.35
CA GLY A 102 18.88 -19.13 -17.93
C GLY A 102 18.92 -19.34 -16.43
N VAL A 103 18.52 -18.33 -15.67
CA VAL A 103 18.52 -18.41 -14.21
C VAL A 103 17.16 -18.07 -13.60
N CYS A 104 16.68 -18.95 -12.73
CA CYS A 104 15.45 -18.72 -11.95
C CYS A 104 14.27 -18.24 -12.81
N GLY A 105 13.61 -17.16 -12.40
CA GLY A 105 12.50 -16.61 -13.15
C GLY A 105 12.80 -15.18 -13.59
N VAL A 106 11.75 -14.33 -13.65
CA VAL A 106 11.95 -12.93 -14.04
C VAL A 106 11.24 -11.97 -13.10
N GLY A 107 11.76 -10.75 -13.00
CA GLY A 107 11.08 -9.70 -12.27
C GLY A 107 9.92 -9.16 -13.08
N VAL A 108 8.96 -8.51 -12.41
CA VAL A 108 7.89 -7.82 -13.12
C VAL A 108 8.47 -6.77 -14.07
N ALA A 109 9.45 -6.04 -13.59
CA ALA A 109 10.12 -5.02 -14.39
C ALA A 109 11.55 -5.46 -14.60
N TYR A 110 11.74 -6.46 -15.48
CA TYR A 110 13.02 -7.16 -15.53
C TYR A 110 14.16 -6.36 -16.19
N ASN A 111 13.86 -5.17 -16.66
CA ASN A 111 14.91 -4.26 -17.14
C ASN A 111 15.06 -3.00 -16.28
N ALA A 112 14.37 -2.96 -15.15
CA ALA A 112 14.54 -1.86 -14.22
C ALA A 112 15.85 -1.99 -13.45
N ARG A 113 16.31 -0.89 -12.88
N ARG A 113 16.30 -0.89 -12.86
CA ARG A 113 17.45 -0.94 -11.98
CA ARG A 113 17.43 -0.91 -11.97
C ARG A 113 16.94 -1.18 -10.56
C ARG A 113 16.93 -1.19 -10.56
N ILE A 114 17.63 -2.05 -9.83
CA ILE A 114 17.17 -2.44 -8.50
C ILE A 114 18.25 -2.24 -7.44
N GLY A 115 17.86 -1.62 -6.33
CA GLY A 115 18.76 -1.45 -5.21
C GLY A 115 18.14 -1.97 -3.94
N GLY A 116 18.89 -1.95 -2.85
CA GLY A 116 18.32 -2.29 -1.56
C GLY A 116 18.89 -1.44 -0.44
N VAL A 117 18.06 -1.13 0.55
CA VAL A 117 18.56 -0.49 1.75
C VAL A 117 18.55 -1.50 2.89
N ARG A 118 19.73 -1.80 3.41
CA ARG A 118 19.83 -2.66 4.58
C ARG A 118 19.49 -1.82 5.81
N MET A 119 18.28 -2.03 6.35
CA MET A 119 17.85 -1.23 7.48
C MET A 119 17.02 -1.99 8.52
N LEU A 120 16.61 -3.22 8.21
CA LEU A 120 15.88 -4.04 9.19
C LEU A 120 16.75 -4.89 10.12
N ASP A 121 18.03 -5.08 9.76
CA ASP A 121 18.91 -5.99 10.49
C ASP A 121 19.63 -5.24 11.61
N GLY A 122 18.87 -4.85 12.62
CA GLY A 122 19.37 -4.04 13.70
C GLY A 122 18.20 -3.33 14.35
N GLU A 123 18.49 -2.40 15.25
CA GLU A 123 17.43 -1.63 15.89
C GLU A 123 16.85 -0.63 14.90
N VAL A 124 15.58 -0.77 14.58
CA VAL A 124 14.94 0.10 13.61
C VAL A 124 14.34 1.32 14.31
N THR A 125 15.13 2.38 14.41
CA THR A 125 14.68 3.61 15.03
C THR A 125 13.95 4.47 14.02
N ASP A 126 13.30 5.52 14.52
CA ASP A 126 12.72 6.56 13.68
C ASP A 126 13.76 7.10 12.70
N ALA A 127 14.96 7.39 13.19
CA ALA A 127 16.03 7.93 12.36
C ALA A 127 16.44 6.96 11.25
N VAL A 128 16.51 5.67 11.58
CA VAL A 128 16.84 4.64 10.59
C VAL A 128 15.80 4.62 9.46
N GLU A 129 14.54 4.66 9.82
CA GLU A 129 13.47 4.69 8.81
C GLU A 129 13.59 5.93 7.93
N ALA A 130 13.86 7.07 8.56
CA ALA A 130 13.87 8.33 7.84
C ALA A 130 15.04 8.36 6.85
N ARG A 131 16.20 7.86 7.27
CA ARG A 131 17.34 7.86 6.39
C ARG A 131 17.12 6.89 5.22
N SER A 132 16.32 5.85 5.45
CA SER A 132 16.02 4.88 4.39
C SER A 132 14.98 5.43 3.39
N LEU A 133 13.88 5.97 3.93
CA LEU A 133 12.83 6.54 3.10
C LEU A 133 13.34 7.75 2.33
N GLY A 134 14.28 8.48 2.92
CA GLY A 134 14.86 9.65 2.28
C GLY A 134 16.14 9.41 1.47
N LEU A 135 16.42 8.15 1.13
CA LEU A 135 17.65 7.84 0.40
C LEU A 135 17.59 8.27 -1.05
N ASN A 136 18.57 9.07 -1.48
CA ASN A 136 18.76 9.47 -2.88
C ASN A 136 17.44 9.71 -3.63
N PRO A 137 16.60 10.63 -3.13
CA PRO A 137 15.23 10.74 -3.65
C PRO A 137 15.12 11.35 -5.04
N ASN A 138 16.23 11.83 -5.59
CA ASN A 138 16.22 12.27 -6.97
C ASN A 138 16.86 11.24 -7.89
N HIS A 139 17.18 10.08 -7.34
CA HIS A 139 17.67 8.99 -8.16
C HIS A 139 16.68 7.83 -8.09
N ILE A 140 16.30 7.44 -6.88
CA ILE A 140 15.31 6.38 -6.69
C ILE A 140 13.90 6.89 -7.00
N HIS A 141 13.15 6.13 -7.80
CA HIS A 141 11.80 6.49 -8.17
C HIS A 141 10.77 5.90 -7.21
N ILE A 142 10.98 4.64 -6.88
CA ILE A 142 10.00 3.84 -6.17
C ILE A 142 10.65 3.13 -5.00
N TYR A 143 10.05 3.27 -3.82
CA TYR A 143 10.51 2.59 -2.62
C TYR A 143 9.52 1.49 -2.25
N SER A 144 10.04 0.31 -1.92
CA SER A 144 9.18 -0.83 -1.58
C SER A 144 9.48 -1.28 -0.16
N ALA A 145 8.44 -1.37 0.65
CA ALA A 145 8.61 -1.73 2.06
C ALA A 145 7.72 -2.89 2.47
N SER A 146 8.32 -4.07 2.63
CA SER A 146 7.60 -5.22 3.13
C SER A 146 7.89 -5.46 4.60
N TRP A 147 7.62 -4.42 5.39
CA TRP A 147 7.93 -4.42 6.82
C TRP A 147 7.05 -3.39 7.52
N GLY A 148 7.05 -3.42 8.85
CA GLY A 148 6.36 -2.40 9.62
C GLY A 148 6.23 -2.82 11.07
N PRO A 149 5.33 -2.16 11.82
CA PRO A 149 5.03 -2.58 13.19
C PRO A 149 4.55 -4.02 13.19
N GLU A 150 4.81 -4.74 14.26
CA GLU A 150 4.35 -6.10 14.38
C GLU A 150 2.82 -6.12 14.39
N ASP A 151 2.23 -6.99 13.58
CA ASP A 151 0.77 -7.02 13.49
C ASP A 151 0.18 -8.01 14.51
N ASP A 152 0.29 -7.65 15.79
CA ASP A 152 -0.18 -8.50 16.89
C ASP A 152 -1.65 -8.23 17.24
N GLY A 153 -2.30 -7.35 16.49
CA GLY A 153 -3.70 -7.04 16.74
C GLY A 153 -4.01 -6.31 18.03
N LYS A 154 -3.02 -5.68 18.66
CA LYS A 154 -3.36 -4.92 19.86
C LYS A 154 -2.74 -3.53 19.99
N THR A 155 -1.79 -3.16 19.14
CA THR A 155 -1.18 -1.85 19.26
C THR A 155 -1.64 -0.88 18.17
N VAL A 156 -1.37 0.40 18.41
CA VAL A 156 -1.54 1.41 17.38
C VAL A 156 -0.17 2.05 17.19
N ASP A 157 0.35 2.02 15.98
CA ASP A 157 1.72 2.46 15.77
C ASP A 157 1.86 2.96 14.35
N GLY A 158 2.85 3.81 14.11
CA GLY A 158 3.07 4.39 12.80
C GLY A 158 4.37 5.17 12.81
N PRO A 159 4.62 5.91 11.73
CA PRO A 159 5.86 6.68 11.63
C PRO A 159 5.95 7.75 12.72
N ALA A 160 7.11 7.86 13.35
CA ALA A 160 7.37 8.97 14.26
C ALA A 160 7.80 10.17 13.43
N ARG A 161 8.32 11.21 14.08
CA ARG A 161 8.47 12.50 13.42
C ARG A 161 9.43 12.48 12.21
N LEU A 162 10.61 11.90 12.35
CA LEU A 162 11.57 11.92 11.24
C LEU A 162 11.02 11.14 10.05
N ALA A 163 10.37 10.00 10.29
CA ALA A 163 9.82 9.20 9.20
C ALA A 163 8.68 9.92 8.49
N GLU A 164 7.83 10.58 9.27
CA GLU A 164 6.73 11.33 8.66
C GLU A 164 7.28 12.49 7.82
N GLU A 165 8.30 13.16 8.35
CA GLU A 165 8.95 14.23 7.61
C GLU A 165 9.56 13.67 6.31
N ALA A 166 10.08 12.44 6.35
CA ALA A 166 10.62 11.80 5.16
C ALA A 166 9.54 11.57 4.10
N PHE A 167 8.37 11.13 4.54
CA PHE A 167 7.24 10.97 3.62
C PHE A 167 6.89 12.31 2.97
N PHE A 168 6.77 13.39 3.74
N PHE A 168 6.76 13.35 3.80
CA PHE A 168 6.34 14.65 3.14
CA PHE A 168 6.43 14.72 3.33
C PHE A 168 7.43 15.21 2.22
C PHE A 168 7.41 15.14 2.27
N ARG A 169 8.69 15.09 2.63
CA ARG A 169 9.79 15.55 1.77
C ARG A 169 9.81 14.76 0.47
N GLY A 170 9.58 13.45 0.59
CA GLY A 170 9.56 12.56 -0.56
C GLY A 170 8.49 12.90 -1.58
N VAL A 171 7.24 13.06 -1.14
CA VAL A 171 6.16 13.28 -2.08
C VAL A 171 6.20 14.71 -2.62
N SER A 172 6.81 15.62 -1.87
CA SER A 172 6.88 17.04 -2.27
C SER A 172 8.04 17.33 -3.19
N GLN A 173 9.24 16.94 -2.78
CA GLN A 173 10.45 17.33 -3.49
C GLN A 173 11.14 16.16 -4.21
N GLY A 174 10.81 14.92 -3.83
CA GLY A 174 11.38 13.75 -4.50
C GLY A 174 10.99 13.63 -5.97
N ARG A 175 11.80 12.89 -6.74
CA ARG A 175 11.59 12.69 -8.18
C ARG A 175 11.35 14.00 -8.94
N GLY A 176 12.18 15.00 -8.68
CA GLY A 176 12.07 16.25 -9.40
C GLY A 176 10.81 17.03 -9.07
N GLY A 177 10.23 16.77 -7.89
CA GLY A 177 9.02 17.46 -7.48
C GLY A 177 7.76 16.68 -7.82
N LEU A 178 7.92 15.59 -8.56
CA LEU A 178 6.79 14.74 -8.91
C LEU A 178 6.33 13.90 -7.71
N GLY A 179 7.28 13.60 -6.81
CA GLY A 179 7.00 12.83 -5.61
C GLY A 179 7.46 11.38 -5.65
N SER A 180 8.21 10.99 -4.63
CA SER A 180 8.58 9.59 -4.41
C SER A 180 7.35 8.70 -4.35
N ILE A 181 7.44 7.51 -4.94
CA ILE A 181 6.38 6.52 -4.83
C ILE A 181 6.71 5.54 -3.71
N PHE A 182 5.89 5.54 -2.65
CA PHE A 182 6.09 4.62 -1.53
C PHE A 182 5.07 3.49 -1.59
N VAL A 183 5.58 2.27 -1.81
CA VAL A 183 4.72 1.08 -1.86
C VAL A 183 4.85 0.28 -0.56
N TRP A 184 3.71 -0.02 0.07
CA TRP A 184 3.70 -0.71 1.36
C TRP A 184 2.90 -2.00 1.39
N ALA A 185 3.44 -3.00 2.07
CA ALA A 185 2.66 -4.23 2.31
C ALA A 185 1.67 -3.98 3.44
N SER A 186 0.40 -4.31 3.25
CA SER A 186 -0.62 -3.91 4.22
C SER A 186 -0.55 -4.68 5.55
N GLY A 187 0.10 -5.84 5.60
CA GLY A 187 0.28 -6.48 6.90
C GLY A 187 -0.05 -7.96 6.94
N ASN A 188 0.37 -8.64 8.01
CA ASN A 188 0.14 -10.07 8.10
C ASN A 188 -0.56 -10.50 9.38
N GLY A 189 -1.37 -9.61 9.95
CA GLY A 189 -2.03 -9.89 11.21
C GLY A 189 -3.43 -10.49 11.11
N GLY A 190 -3.70 -11.16 9.99
CA GLY A 190 -5.02 -11.73 9.76
C GLY A 190 -5.48 -12.63 10.89
N ARG A 191 -4.59 -13.52 11.31
CA ARG A 191 -4.90 -14.47 12.37
C ARG A 191 -5.09 -13.77 13.72
N GLU A 192 -4.40 -12.65 13.93
CA GLU A 192 -4.58 -11.86 15.15
C GLU A 192 -5.77 -10.90 15.04
N HIS A 193 -6.49 -10.98 13.91
CA HIS A 193 -7.62 -10.08 13.64
C HIS A 193 -7.21 -8.62 13.69
N ASP A 194 -6.05 -8.30 13.13
CA ASP A 194 -5.58 -6.92 13.15
C ASP A 194 -6.29 -6.09 12.06
N SER A 195 -6.25 -4.78 12.23
N SER A 195 -6.21 -4.78 12.20
CA SER A 195 -6.75 -3.82 11.23
CA SER A 195 -6.80 -3.82 11.25
C SER A 195 -5.60 -2.98 10.72
C SER A 195 -5.66 -2.93 10.72
N CYS A 196 -5.44 -2.91 9.41
CA CYS A 196 -4.34 -2.13 8.84
C CYS A 196 -4.54 -0.61 8.95
N ASN A 197 -5.69 -0.15 9.46
CA ASN A 197 -5.84 1.28 9.73
C ASN A 197 -5.14 1.65 11.02
N CYS A 198 -4.80 0.65 11.85
CA CYS A 198 -4.07 0.89 13.10
C CYS A 198 -2.56 0.92 12.88
N ASP A 199 -2.17 0.88 11.63
CA ASP A 199 -0.77 0.91 11.19
C ASP A 199 -0.59 2.21 10.42
N GLY A 200 0.19 3.13 10.98
CA GLY A 200 0.33 4.46 10.39
C GLY A 200 1.05 4.47 9.05
N TYR A 201 1.80 3.40 8.77
CA TYR A 201 2.54 3.32 7.51
C TYR A 201 1.57 3.02 6.37
N THR A 202 0.72 2.03 6.57
CA THR A 202 -0.23 1.64 5.54
C THR A 202 -1.39 2.65 5.46
N ASN A 203 -1.78 3.17 6.62
CA ASN A 203 -2.87 4.15 6.74
C ASN A 203 -2.53 5.51 6.13
N SER A 204 -1.26 5.72 5.82
CA SER A 204 -0.79 6.99 5.25
C SER A 204 -1.32 7.22 3.85
N ILE A 205 -1.65 8.48 3.52
CA ILE A 205 -2.04 8.79 2.15
C ILE A 205 -0.82 8.76 1.21
N TYR A 206 0.37 8.87 1.79
CA TYR A 206 1.60 8.93 1.00
C TYR A 206 2.10 7.55 0.55
N THR A 207 1.49 6.50 1.08
CA THR A 207 1.90 5.14 0.68
C THR A 207 0.78 4.45 -0.07
N LEU A 208 1.14 3.65 -1.07
CA LEU A 208 0.18 2.78 -1.73
C LEU A 208 0.19 1.45 -1.00
N SER A 209 -0.85 1.22 -0.20
CA SER A 209 -0.89 0.02 0.61
C SER A 209 -1.50 -1.11 -0.20
N ILE A 210 -0.80 -2.23 -0.23
CA ILE A 210 -1.15 -3.33 -1.14
C ILE A 210 -1.49 -4.62 -0.37
N SER A 211 -2.67 -5.18 -0.62
CA SER A 211 -3.04 -6.44 0.03
C SER A 211 -2.82 -7.64 -0.87
N SER A 212 -3.21 -8.82 -0.36
CA SER A 212 -2.90 -10.08 -1.03
C SER A 212 -4.15 -10.90 -1.41
N ALA A 213 -4.04 -11.67 -2.49
CA ALA A 213 -5.04 -12.68 -2.83
C ALA A 213 -4.34 -14.03 -3.10
N THR A 214 -5.00 -15.12 -2.75
CA THR A 214 -4.45 -16.44 -3.06
C THR A 214 -4.70 -16.77 -4.54
N GLN A 215 -4.03 -17.83 -5.02
CA GLN A 215 -4.16 -18.24 -6.42
C GLN A 215 -5.61 -18.50 -6.80
N PHE A 216 -6.37 -19.14 -5.91
CA PHE A 216 -7.76 -19.45 -6.22
C PHE A 216 -8.68 -18.22 -5.97
N GLY A 217 -8.07 -17.06 -5.73
CA GLY A 217 -8.80 -15.82 -5.61
C GLY A 217 -9.47 -15.58 -4.26
N ASN A 218 -8.83 -16.05 -3.19
CA ASN A 218 -9.43 -15.90 -1.87
C ASN A 218 -8.60 -14.98 -0.97
N VAL A 219 -9.19 -14.60 0.16
CA VAL A 219 -8.53 -13.76 1.15
C VAL A 219 -7.62 -14.64 2.00
N PRO A 220 -6.30 -14.43 1.89
CA PRO A 220 -5.39 -15.34 2.61
C PRO A 220 -5.52 -15.26 4.12
N TRP A 221 -5.06 -16.30 4.82
CA TRP A 221 -5.19 -16.35 6.26
C TRP A 221 -4.53 -15.16 6.97
N TYR A 222 -3.42 -14.67 6.40
CA TYR A 222 -2.65 -13.61 7.04
C TYR A 222 -3.19 -12.21 6.75
N SER A 223 -4.16 -12.13 5.85
CA SER A 223 -4.61 -10.85 5.30
C SER A 223 -5.32 -9.98 6.34
N GLU A 224 -5.06 -8.68 6.29
CA GLU A 224 -5.75 -7.71 7.15
C GLU A 224 -6.69 -6.87 6.32
N ALA A 225 -7.90 -6.68 6.82
CA ALA A 225 -8.88 -5.82 6.17
C ALA A 225 -8.80 -4.41 6.74
N CYS A 226 -8.88 -3.40 5.87
CA CYS A 226 -9.05 -2.01 6.33
C CYS A 226 -9.39 -1.10 5.16
N SER A 227 -9.87 0.11 5.46
CA SER A 227 -10.32 1.04 4.43
C SER A 227 -9.14 1.79 3.75
N SER A 228 -7.94 1.73 4.33
CA SER A 228 -6.81 2.47 3.75
C SER A 228 -6.12 1.70 2.60
N THR A 229 -6.35 0.39 2.51
CA THR A 229 -5.76 -0.39 1.42
C THR A 229 -6.24 0.11 0.06
N LEU A 230 -5.34 0.16 -0.92
CA LEU A 230 -5.68 0.68 -2.25
C LEU A 230 -5.95 -0.41 -3.29
N ALA A 231 -5.16 -1.49 -3.26
CA ALA A 231 -5.27 -2.52 -4.27
C ALA A 231 -4.54 -3.77 -3.80
N THR A 232 -4.47 -4.76 -4.70
CA THR A 232 -4.09 -6.13 -4.37
C THR A 232 -3.17 -6.73 -5.42
N THR A 233 -2.21 -7.56 -4.99
CA THR A 233 -1.51 -8.44 -5.92
C THR A 233 -1.55 -9.86 -5.39
N TYR A 234 -1.35 -10.84 -6.25
CA TYR A 234 -1.35 -12.24 -5.82
C TYR A 234 -0.20 -12.54 -4.87
N SER A 235 -0.45 -13.46 -3.94
CA SER A 235 0.63 -14.02 -3.14
C SER A 235 0.23 -15.44 -2.72
N SER A 236 0.77 -15.91 -1.61
CA SER A 236 0.56 -17.29 -1.20
C SER A 236 -0.78 -17.49 -0.49
N GLY A 237 -1.17 -18.76 -0.37
CA GLY A 237 -2.39 -19.12 0.32
C GLY A 237 -2.19 -20.46 0.98
N ASN A 238 -3.05 -21.44 0.69
CA ASN A 238 -2.91 -22.75 1.32
C ASN A 238 -1.90 -23.62 0.56
N GLN A 239 -1.73 -24.87 0.97
CA GLN A 239 -0.63 -25.65 0.42
C GLN A 239 -0.98 -26.31 -0.91
N ASN A 240 -2.22 -26.13 -1.36
CA ASN A 240 -2.60 -26.54 -2.72
C ASN A 240 -2.39 -25.39 -3.71
N GLU A 241 -2.25 -24.17 -3.19
CA GLU A 241 -2.09 -23.00 -4.05
C GLU A 241 -0.61 -22.68 -4.28
N LYS A 242 -0.29 -22.22 -5.48
CA LYS A 242 1.08 -21.89 -5.82
C LYS A 242 1.57 -20.65 -5.07
N GLN A 243 2.87 -20.42 -5.08
CA GLN A 243 3.46 -19.34 -4.32
C GLN A 243 4.33 -18.48 -5.24
N ILE A 244 5.19 -17.65 -4.66
CA ILE A 244 5.94 -16.68 -5.45
C ILE A 244 7.35 -17.17 -5.74
N VAL A 245 7.77 -16.97 -6.99
CA VAL A 245 9.07 -17.44 -7.47
C VAL A 245 10.05 -16.28 -7.51
N THR A 246 11.18 -16.43 -6.85
CA THR A 246 12.11 -15.32 -6.78
C THR A 246 13.51 -15.74 -6.38
N THR A 247 14.41 -14.76 -6.38
CA THR A 247 15.80 -14.92 -6.00
C THR A 247 15.93 -15.12 -4.50
N ASP A 248 16.77 -16.07 -4.09
CA ASP A 248 16.94 -16.35 -2.67
C ASP A 248 18.38 -16.11 -2.26
N LEU A 249 18.61 -16.01 -0.95
CA LEU A 249 19.94 -15.83 -0.40
C LEU A 249 20.88 -16.98 -0.84
N ARG A 250 22.17 -16.66 -0.93
CA ARG A 250 23.22 -17.60 -1.36
C ARG A 250 23.02 -18.04 -2.81
N GLN A 251 22.62 -17.09 -3.64
CA GLN A 251 22.56 -17.25 -5.09
C GLN A 251 21.64 -18.39 -5.51
N LYS A 252 20.61 -18.63 -4.70
CA LYS A 252 19.64 -19.67 -4.98
C LYS A 252 18.35 -19.12 -5.57
N CYS A 253 17.45 -20.05 -5.91
CA CYS A 253 16.16 -19.69 -6.45
C CYS A 253 15.12 -20.31 -5.54
N THR A 254 14.06 -19.56 -5.21
CA THR A 254 13.01 -20.16 -4.39
C THR A 254 11.66 -20.09 -5.12
N GLU A 255 10.84 -21.11 -4.92
CA GLU A 255 9.48 -21.09 -5.43
C GLU A 255 8.47 -20.94 -4.29
N SER A 256 8.97 -20.60 -3.10
CA SER A 256 8.11 -20.57 -1.93
C SER A 256 8.20 -19.26 -1.13
N HIS A 257 8.25 -18.14 -1.85
CA HIS A 257 8.13 -16.83 -1.23
C HIS A 257 6.65 -16.58 -0.95
N THR A 258 6.34 -15.98 0.20
CA THR A 258 4.97 -15.98 0.73
C THR A 258 4.55 -14.67 1.40
N GLY A 259 3.26 -14.59 1.70
CA GLY A 259 2.74 -13.60 2.63
C GLY A 259 2.58 -12.20 2.08
N THR A 260 2.19 -11.28 2.96
CA THR A 260 2.02 -9.89 2.59
C THR A 260 3.35 -9.35 2.02
N SER A 261 4.46 -9.88 2.50
CA SER A 261 5.78 -9.48 2.04
C SER A 261 5.95 -9.56 0.53
N ALA A 262 5.32 -10.55 -0.10
CA ALA A 262 5.50 -10.79 -1.53
C ALA A 262 4.61 -9.88 -2.39
N SER A 263 3.55 -9.32 -1.81
CA SER A 263 2.61 -8.52 -2.59
C SER A 263 3.12 -7.14 -2.96
N ALA A 264 3.73 -6.44 -2.00
CA ALA A 264 4.23 -5.09 -2.25
C ALA A 264 5.25 -5.04 -3.41
N PRO A 265 6.25 -5.95 -3.44
CA PRO A 265 7.22 -5.91 -4.54
C PRO A 265 6.59 -6.08 -5.92
N LEU A 266 5.57 -6.92 -6.03
CA LEU A 266 4.92 -7.11 -7.32
C LEU A 266 4.25 -5.80 -7.75
N ALA A 267 3.62 -5.13 -6.78
CA ALA A 267 3.04 -3.81 -7.03
C ALA A 267 4.09 -2.80 -7.45
N ALA A 268 5.23 -2.80 -6.75
CA ALA A 268 6.31 -1.87 -7.10
C ALA A 268 6.81 -2.11 -8.52
N GLY A 269 6.92 -3.38 -8.91
CA GLY A 269 7.28 -3.72 -10.28
C GLY A 269 6.29 -3.17 -11.30
N ILE A 270 5.00 -3.39 -11.05
CA ILE A 270 3.98 -2.88 -11.96
C ILE A 270 4.02 -1.36 -12.05
N ILE A 271 4.25 -0.71 -10.91
CA ILE A 271 4.37 0.73 -10.90
C ILE A 271 5.62 1.20 -11.67
N ALA A 272 6.67 0.39 -11.65
CA ALA A 272 7.86 0.70 -12.46
C ALA A 272 7.54 0.67 -13.96
N LEU A 273 6.82 -0.35 -14.41
CA LEU A 273 6.39 -0.41 -15.82
C LEU A 273 5.55 0.81 -16.17
N THR A 274 4.72 1.23 -15.23
CA THR A 274 3.83 2.37 -15.41
C THR A 274 4.60 3.68 -15.53
N LEU A 275 5.61 3.87 -14.67
CA LEU A 275 6.45 5.05 -14.77
C LEU A 275 7.24 5.08 -16.08
N GLU A 276 7.62 3.91 -16.60
CA GLU A 276 8.31 3.89 -17.89
C GLU A 276 7.39 4.42 -18.98
N ALA A 277 6.10 4.08 -18.89
CA ALA A 277 5.12 4.49 -19.89
C ALA A 277 4.83 5.98 -19.81
N ASN A 278 5.07 6.59 -18.65
CA ASN A 278 4.88 8.03 -18.51
C ASN A 278 5.72 8.51 -17.32
N LYS A 279 6.91 9.04 -17.59
CA LYS A 279 7.84 9.41 -16.52
C LYS A 279 7.36 10.62 -15.74
N ASN A 280 6.35 11.31 -16.28
CA ASN A 280 5.87 12.57 -15.69
C ASN A 280 4.73 12.39 -14.68
N LEU A 281 4.40 11.15 -14.36
CA LEU A 281 3.33 10.89 -13.40
C LEU A 281 3.74 11.34 -12.01
N THR A 282 2.84 12.04 -11.31
CA THR A 282 3.09 12.47 -9.93
C THR A 282 2.70 11.34 -8.97
N TRP A 283 3.05 11.48 -7.70
CA TRP A 283 2.71 10.45 -6.73
C TRP A 283 1.20 10.25 -6.64
N ARG A 284 0.44 11.33 -6.83
CA ARG A 284 -1.02 11.23 -6.81
C ARG A 284 -1.59 10.66 -8.10
N ASP A 285 -1.01 11.05 -9.25
CA ASP A 285 -1.38 10.41 -10.53
C ASP A 285 -1.34 8.88 -10.39
N MET A 286 -0.27 8.38 -9.79
CA MET A 286 -0.07 6.93 -9.70
C MET A 286 -1.21 6.27 -8.94
N GLN A 287 -1.66 6.90 -7.85
CA GLN A 287 -2.77 6.34 -7.07
C GLN A 287 -4.09 6.41 -7.85
N HIS A 288 -4.28 7.50 -8.61
CA HIS A 288 -5.43 7.57 -9.52
C HIS A 288 -5.45 6.42 -10.54
N LEU A 289 -4.31 6.13 -11.14
CA LEU A 289 -4.21 5.06 -12.12
C LEU A 289 -4.58 3.73 -11.52
N VAL A 290 -4.08 3.49 -10.30
CA VAL A 290 -4.36 2.25 -9.58
C VAL A 290 -5.84 2.11 -9.30
N VAL A 291 -6.47 3.21 -8.90
CA VAL A 291 -7.90 3.18 -8.60
C VAL A 291 -8.72 2.88 -9.86
N GLN A 292 -8.38 3.53 -10.96
CA GLN A 292 -9.16 3.36 -12.18
C GLN A 292 -8.97 2.00 -12.84
N THR A 293 -7.78 1.41 -12.74
CA THR A 293 -7.50 0.22 -13.55
C THR A 293 -7.57 -1.13 -12.83
N SER A 294 -7.68 -1.10 -11.50
CA SER A 294 -7.61 -2.35 -10.75
C SER A 294 -8.90 -3.15 -10.88
N LYS A 295 -8.79 -4.46 -10.80
CA LYS A 295 -9.84 -5.38 -11.23
C LYS A 295 -10.34 -6.24 -10.08
N PRO A 296 -11.61 -6.07 -9.70
CA PRO A 296 -12.20 -6.92 -8.65
C PRO A 296 -12.44 -8.35 -9.11
N ALA A 297 -12.71 -8.54 -10.40
CA ALA A 297 -13.35 -9.75 -10.88
C ALA A 297 -12.66 -11.02 -10.41
N HIS A 298 -13.46 -11.95 -9.91
CA HIS A 298 -13.00 -13.26 -9.47
C HIS A 298 -12.25 -13.23 -8.12
N LEU A 299 -12.10 -12.06 -7.52
CA LEU A 299 -11.62 -12.04 -6.13
C LEU A 299 -12.81 -12.23 -5.22
N ASN A 300 -12.75 -13.24 -4.35
CA ASN A 300 -13.84 -13.55 -3.44
C ASN A 300 -13.75 -12.82 -2.11
N ALA A 301 -14.82 -12.11 -1.76
CA ALA A 301 -14.93 -11.42 -0.48
C ALA A 301 -16.41 -11.28 -0.11
N ASN A 302 -16.70 -11.16 1.18
CA ASN A 302 -18.09 -10.97 1.58
C ASN A 302 -18.49 -9.49 1.74
N ASP A 303 -17.59 -8.57 1.41
CA ASP A 303 -17.85 -7.14 1.67
C ASP A 303 -17.71 -6.25 0.44
N TRP A 304 -17.71 -6.82 -0.76
CA TRP A 304 -17.66 -6.00 -1.97
C TRP A 304 -18.83 -5.03 -1.97
N ALA A 305 -18.54 -3.75 -2.20
CA ALA A 305 -19.57 -2.72 -2.26
C ALA A 305 -19.27 -1.80 -3.42
N THR A 306 -20.32 -1.23 -3.99
CA THR A 306 -20.16 -0.28 -5.08
C THR A 306 -20.21 1.13 -4.48
N ASN A 307 -19.20 1.94 -4.79
CA ASN A 307 -19.13 3.26 -4.17
C ASN A 307 -19.94 4.28 -4.98
N GLY A 308 -19.77 5.56 -4.68
CA GLY A 308 -20.60 6.60 -5.25
C GLY A 308 -20.36 6.86 -6.72
N VAL A 309 -19.23 6.39 -7.25
CA VAL A 309 -18.96 6.59 -8.66
C VAL A 309 -18.92 5.25 -9.40
N GLY A 310 -19.57 4.25 -8.82
CA GLY A 310 -19.79 2.99 -9.50
C GLY A 310 -18.63 2.01 -9.48
N ARG A 311 -17.62 2.25 -8.64
CA ARG A 311 -16.49 1.31 -8.57
C ARG A 311 -16.67 0.36 -7.41
N LYS A 312 -16.35 -0.92 -7.63
CA LYS A 312 -16.42 -1.93 -6.58
C LYS A 312 -15.19 -1.86 -5.69
N VAL A 313 -15.41 -1.95 -4.39
CA VAL A 313 -14.31 -1.81 -3.45
C VAL A 313 -14.56 -2.74 -2.26
N SER A 314 -13.47 -3.32 -1.75
CA SER A 314 -13.51 -4.25 -0.62
C SER A 314 -12.46 -3.85 0.40
N HIS A 315 -12.71 -4.12 1.67
CA HIS A 315 -11.70 -3.81 2.68
C HIS A 315 -10.56 -4.83 2.64
N SER A 316 -10.80 -5.96 1.99
CA SER A 316 -9.76 -6.98 1.88
C SER A 316 -8.85 -6.68 0.70
N TYR A 317 -9.38 -5.96 -0.30
CA TYR A 317 -8.71 -5.88 -1.58
C TYR A 317 -8.54 -4.49 -2.18
N GLY A 318 -9.11 -3.47 -1.53
CA GLY A 318 -9.16 -2.16 -2.13
C GLY A 318 -9.98 -2.23 -3.40
N TYR A 319 -9.45 -1.68 -4.48
CA TYR A 319 -10.14 -1.69 -5.77
C TYR A 319 -9.88 -2.97 -6.58
N GLY A 320 -9.18 -3.92 -5.99
CA GLY A 320 -8.97 -5.22 -6.62
C GLY A 320 -7.56 -5.47 -7.09
N LEU A 321 -7.39 -6.45 -7.97
CA LEU A 321 -6.09 -6.84 -8.49
C LEU A 321 -5.50 -5.77 -9.37
N LEU A 322 -4.20 -5.52 -9.22
CA LEU A 322 -3.53 -4.66 -10.18
C LEU A 322 -3.56 -5.29 -11.57
N ASP A 323 -3.57 -4.45 -12.60
CA ASP A 323 -3.63 -4.88 -13.98
C ASP A 323 -2.56 -4.11 -14.74
N ALA A 324 -1.40 -4.73 -14.97
CA ALA A 324 -0.26 -4.02 -15.52
C ALA A 324 -0.52 -3.49 -16.92
N GLY A 325 -1.16 -4.30 -17.76
CA GLY A 325 -1.48 -3.90 -19.12
C GLY A 325 -2.35 -2.65 -19.10
N ALA A 326 -3.35 -2.64 -18.23
CA ALA A 326 -4.27 -1.52 -18.14
C ALA A 326 -3.59 -0.28 -17.58
N MET A 327 -2.72 -0.48 -16.60
CA MET A 327 -1.91 0.60 -16.03
C MET A 327 -1.06 1.29 -17.08
N VAL A 328 -0.30 0.54 -17.88
CA VAL A 328 0.60 1.19 -18.83
C VAL A 328 -0.17 1.83 -19.97
N ALA A 329 -1.32 1.25 -20.33
CA ALA A 329 -2.15 1.82 -21.37
C ALA A 329 -2.71 3.18 -20.95
N LEU A 330 -3.27 3.23 -19.75
CA LEU A 330 -3.85 4.48 -19.24
C LEU A 330 -2.79 5.53 -18.94
N ALA A 331 -1.58 5.11 -18.59
CA ALA A 331 -0.55 6.07 -18.22
C ALA A 331 -0.12 6.95 -19.40
N GLN A 332 -0.05 6.36 -20.59
CA GLN A 332 0.59 7.04 -21.73
C GLN A 332 -0.03 8.41 -22.04
N ASN A 333 -1.36 8.51 -22.05
CA ASN A 333 -1.94 9.82 -22.35
C ASN A 333 -2.61 10.47 -21.13
N TRP A 334 -2.19 10.06 -19.94
CA TRP A 334 -2.75 10.60 -18.70
C TRP A 334 -2.50 12.10 -18.55
N THR A 335 -3.56 12.84 -18.23
CA THR A 335 -3.41 14.25 -17.89
C THR A 335 -3.17 14.41 -16.38
N THR A 336 -2.06 15.05 -16.02
CA THR A 336 -1.71 15.27 -14.62
C THR A 336 -2.87 15.84 -13.82
N VAL A 337 -3.15 15.29 -12.64
CA VAL A 337 -4.22 15.83 -11.81
C VAL A 337 -3.87 17.22 -11.31
N ALA A 338 -4.89 18.00 -10.95
CA ALA A 338 -4.68 19.36 -10.43
C ALA A 338 -4.00 19.31 -9.06
N PRO A 339 -3.46 20.46 -8.59
CA PRO A 339 -2.81 20.43 -7.27
C PRO A 339 -3.75 19.94 -6.19
N GLN A 340 -3.19 19.29 -5.18
CA GLN A 340 -3.98 18.70 -4.11
C GLN A 340 -4.55 19.77 -3.19
N ARG A 341 -5.85 19.71 -2.94
CA ARG A 341 -6.51 20.59 -1.98
C ARG A 341 -6.76 19.84 -0.68
N LYS A 342 -6.88 20.57 0.41
CA LYS A 342 -7.10 19.95 1.71
C LYS A 342 -8.16 20.74 2.45
N CYS A 343 -9.31 20.13 2.69
CA CYS A 343 -10.40 20.80 3.38
C CYS A 343 -10.51 20.23 4.79
N ILE A 344 -10.29 21.08 5.79
CA ILE A 344 -10.32 20.66 7.18
C ILE A 344 -11.65 21.02 7.84
N ILE A 345 -12.36 20.04 8.35
CA ILE A 345 -13.67 20.30 8.95
C ILE A 345 -13.75 19.72 10.36
N ASP A 346 -13.84 20.61 11.36
N ASP A 346 -13.82 20.60 11.36
CA ASP A 346 -13.99 20.15 12.73
CA ASP A 346 -13.99 20.10 12.72
C ASP A 346 -15.48 19.89 12.98
C ASP A 346 -15.46 19.88 12.96
N ILE A 347 -15.81 18.63 13.26
CA ILE A 347 -17.21 18.19 13.28
C ILE A 347 -17.93 18.49 14.60
N LEU A 348 -17.27 18.27 15.73
CA LEU A 348 -17.97 18.35 17.02
C LEU A 348 -18.11 19.76 17.59
N THR A 349 -19.24 20.02 18.26
CA THR A 349 -19.39 21.25 19.06
C THR A 349 -19.18 20.98 20.55
N GLU A 350 -19.28 19.71 20.93
CA GLU A 350 -19.12 19.29 22.32
C GLU A 350 -18.70 17.81 22.36
N PRO A 351 -18.06 17.38 23.46
CA PRO A 351 -17.68 15.96 23.55
C PRO A 351 -18.92 15.09 23.61
N LYS A 352 -18.82 13.84 23.15
CA LYS A 352 -19.97 12.96 23.09
C LYS A 352 -19.66 11.63 23.73
N ASP A 353 -20.54 11.20 24.63
CA ASP A 353 -20.36 9.92 25.28
C ASP A 353 -20.62 8.79 24.30
N ILE A 354 -19.75 7.81 24.29
CA ILE A 354 -19.86 6.73 23.31
C ILE A 354 -20.92 5.72 23.74
N GLY A 355 -20.82 5.25 24.97
CA GLY A 355 -21.78 4.27 25.48
C GLY A 355 -21.83 3.01 24.64
N LYS A 356 -23.04 2.55 24.33
CA LYS A 356 -23.21 1.33 23.56
C LYS A 356 -23.06 1.61 22.07
N ARG A 357 -23.52 2.80 21.68
CA ARG A 357 -23.46 3.20 20.29
C ARG A 357 -23.52 4.72 20.20
N LEU A 358 -22.67 5.30 19.36
CA LEU A 358 -22.71 6.74 19.10
C LEU A 358 -22.76 6.97 17.61
N GLU A 359 -23.67 7.83 17.18
CA GLU A 359 -23.76 8.22 15.79
C GLU A 359 -23.65 9.74 15.68
N VAL A 360 -22.69 10.21 14.88
CA VAL A 360 -22.49 11.64 14.67
C VAL A 360 -22.76 11.96 13.22
N ARG A 361 -23.78 12.79 12.99
CA ARG A 361 -24.17 13.19 11.64
C ARG A 361 -23.78 14.63 11.41
N LYS A 362 -23.19 14.92 10.26
CA LYS A 362 -22.83 16.30 9.97
C LYS A 362 -22.88 16.59 8.47
N THR A 363 -23.62 17.62 8.11
CA THR A 363 -23.70 18.05 6.71
C THR A 363 -22.61 19.08 6.44
N VAL A 364 -21.75 18.82 5.46
CA VAL A 364 -20.63 19.72 5.18
C VAL A 364 -20.70 20.33 3.77
N THR A 365 -20.04 21.47 3.58
CA THR A 365 -19.97 22.10 2.26
C THR A 365 -18.64 21.86 1.57
N ALA A 366 -17.70 21.23 2.27
CA ALA A 366 -16.39 20.87 1.70
C ALA A 366 -15.66 22.10 1.14
N CYS A 367 -15.64 23.15 1.95
CA CYS A 367 -14.92 24.40 1.69
C CYS A 367 -15.42 25.12 0.42
N LEU A 368 -16.71 25.00 0.16
CA LEU A 368 -17.40 25.79 -0.85
C LEU A 368 -16.99 27.26 -0.81
N GLY A 369 -16.66 27.83 -1.97
CA GLY A 369 -16.32 29.24 -2.08
C GLY A 369 -14.87 29.56 -1.73
N GLU A 370 -14.11 28.53 -1.38
CA GLU A 370 -12.72 28.70 -0.95
C GLU A 370 -11.77 27.96 -1.91
N PRO A 371 -10.48 28.36 -1.90
CA PRO A 371 -9.48 27.69 -2.76
C PRO A 371 -9.34 26.19 -2.49
N ASN A 372 -9.68 25.72 -1.29
CA ASN A 372 -9.62 24.27 -1.06
C ASN A 372 -10.96 23.57 -1.21
N HIS A 373 -11.89 24.21 -1.92
CA HIS A 373 -13.15 23.55 -2.30
C HIS A 373 -12.86 22.22 -3.00
N ILE A 374 -13.47 21.14 -2.52
CA ILE A 374 -13.27 19.82 -3.12
C ILE A 374 -14.59 19.25 -3.62
N THR A 375 -14.66 18.99 -4.92
CA THR A 375 -15.79 18.29 -5.51
C THR A 375 -15.38 16.87 -5.94
N ARG A 376 -14.07 16.64 -6.02
CA ARG A 376 -13.53 15.31 -6.38
C ARG A 376 -12.62 14.80 -5.28
N LEU A 377 -13.14 13.89 -4.48
CA LEU A 377 -12.40 13.39 -3.32
C LEU A 377 -11.28 12.43 -3.73
N GLU A 378 -10.16 12.51 -3.02
CA GLU A 378 -9.15 11.44 -3.10
C GLU A 378 -9.21 10.68 -1.77
N HIS A 379 -8.24 10.89 -0.88
CA HIS A 379 -8.29 10.30 0.46
C HIS A 379 -9.21 11.10 1.36
N ALA A 380 -9.84 10.42 2.31
CA ALA A 380 -10.53 11.10 3.39
C ALA A 380 -10.05 10.53 4.72
N GLN A 381 -9.88 11.41 5.70
CA GLN A 381 -9.50 10.97 7.04
C GLN A 381 -10.54 11.37 8.06
N ALA A 382 -10.82 10.49 9.00
CA ALA A 382 -11.52 10.88 10.22
C ALA A 382 -10.51 10.89 11.33
N ARG A 383 -10.03 12.07 11.72
CA ARG A 383 -9.04 12.14 12.78
C ARG A 383 -9.78 12.18 14.11
N LEU A 384 -9.63 11.10 14.87
CA LEU A 384 -10.45 10.90 16.05
C LEU A 384 -9.66 10.95 17.33
N THR A 385 -10.22 11.65 18.31
CA THR A 385 -9.68 11.63 19.66
C THR A 385 -10.78 11.16 20.60
N LEU A 386 -10.54 10.03 21.28
CA LEU A 386 -11.53 9.43 22.16
C LEU A 386 -10.86 8.68 23.30
N SER A 387 -11.60 8.55 24.40
CA SER A 387 -11.19 7.67 25.48
C SER A 387 -12.14 6.49 25.50
N TYR A 388 -11.66 5.36 26.01
CA TYR A 388 -12.48 4.16 26.08
C TYR A 388 -11.78 3.17 27.00
N ASN A 389 -12.54 2.33 27.68
CA ASN A 389 -11.94 1.43 28.65
C ASN A 389 -11.30 0.16 28.03
N ARG A 390 -11.85 -0.34 26.91
CA ARG A 390 -11.22 -1.48 26.19
C ARG A 390 -11.27 -1.27 24.68
N ARG A 391 -10.17 -0.80 24.11
CA ARG A 391 -10.17 -0.26 22.75
C ARG A 391 -10.66 -1.26 21.70
N GLY A 392 -10.22 -2.52 21.82
CA GLY A 392 -10.52 -3.51 20.81
C GLY A 392 -11.98 -3.91 20.68
N ASP A 393 -12.82 -3.45 21.61
CA ASP A 393 -14.26 -3.72 21.50
C ASP A 393 -14.93 -2.75 20.54
N LEU A 394 -14.23 -1.68 20.18
CA LEU A 394 -14.82 -0.66 19.31
C LEU A 394 -14.84 -1.08 17.84
N ALA A 395 -15.92 -0.76 17.16
CA ALA A 395 -15.92 -0.77 15.70
C ALA A 395 -16.36 0.61 15.25
N ILE A 396 -15.68 1.14 14.23
CA ILE A 396 -15.94 2.50 13.79
C ILE A 396 -16.18 2.51 12.28
N HIS A 397 -17.31 3.10 11.88
CA HIS A 397 -17.63 3.25 10.46
C HIS A 397 -17.85 4.72 10.09
N LEU A 398 -17.54 5.04 8.84
CA LEU A 398 -17.75 6.37 8.28
C LEU A 398 -18.54 6.24 6.98
N VAL A 399 -19.65 6.96 6.89
CA VAL A 399 -20.48 6.93 5.68
C VAL A 399 -20.39 8.25 4.94
N SER A 400 -20.11 8.19 3.64
CA SER A 400 -19.98 9.41 2.83
C SER A 400 -21.34 9.90 2.36
N PRO A 401 -21.41 11.15 1.88
CA PRO A 401 -22.70 11.63 1.36
C PRO A 401 -23.25 10.79 0.22
N MET A 402 -22.37 10.12 -0.51
N MET A 402 -22.39 10.12 -0.52
CA MET A 402 -22.79 9.26 -1.62
CA MET A 402 -22.85 9.29 -1.61
C MET A 402 -23.20 7.87 -1.13
C MET A 402 -23.17 7.87 -1.14
N GLY A 403 -23.23 7.67 0.18
CA GLY A 403 -23.68 6.42 0.74
C GLY A 403 -22.63 5.31 0.90
N THR A 404 -21.36 5.64 0.70
CA THR A 404 -20.30 4.63 0.81
C THR A 404 -19.86 4.46 2.27
N ARG A 405 -20.08 3.26 2.78
CA ARG A 405 -19.76 2.94 4.17
C ARG A 405 -18.35 2.38 4.27
N SER A 406 -17.45 3.15 4.87
CA SER A 406 -16.08 2.67 5.10
C SER A 406 -15.93 2.17 6.53
N THR A 407 -15.37 0.98 6.70
CA THR A 407 -15.00 0.51 8.02
C THR A 407 -13.64 1.12 8.40
N LEU A 408 -13.67 2.07 9.33
CA LEU A 408 -12.43 2.68 9.80
C LEU A 408 -11.70 1.77 10.78
N LEU A 409 -12.47 0.99 11.52
CA LEU A 409 -11.93 0.14 12.58
C LEU A 409 -12.88 -1.02 12.85
N ALA A 410 -12.38 -2.24 12.69
CA ALA A 410 -13.15 -3.41 13.09
C ALA A 410 -12.72 -3.84 14.49
N ALA A 411 -13.55 -4.65 15.16
CA ALA A 411 -13.20 -5.17 16.48
C ALA A 411 -11.83 -5.86 16.47
N ARG A 412 -11.01 -5.57 17.47
CA ARG A 412 -9.73 -6.28 17.65
C ARG A 412 -9.72 -6.97 19.01
N PRO A 413 -10.05 -8.27 19.04
CA PRO A 413 -10.23 -8.96 20.33
C PRO A 413 -8.99 -8.96 21.22
N HIS A 414 -7.80 -8.86 20.65
CA HIS A 414 -6.58 -8.82 21.44
C HIS A 414 -6.20 -7.42 21.93
N ASP A 415 -6.94 -6.40 21.49
CA ASP A 415 -6.64 -5.03 21.91
C ASP A 415 -7.39 -4.69 23.20
N TYR A 416 -6.70 -4.77 24.34
CA TYR A 416 -7.31 -4.47 25.63
C TYR A 416 -6.92 -3.08 26.17
N SER A 417 -6.30 -2.26 25.32
CA SER A 417 -5.78 -0.95 25.73
C SER A 417 -6.85 -0.03 26.31
N ALA A 418 -6.48 0.72 27.34
CA ALA A 418 -7.36 1.71 27.90
C ALA A 418 -6.94 3.11 27.44
N ASP A 419 -6.02 3.17 26.48
CA ASP A 419 -5.48 4.46 26.07
C ASP A 419 -6.26 5.16 24.93
N GLY A 420 -7.29 4.51 24.40
CA GLY A 420 -8.07 5.11 23.33
C GLY A 420 -7.28 5.54 22.11
N PHE A 421 -7.76 6.57 21.42
CA PHE A 421 -7.08 7.10 20.24
C PHE A 421 -6.79 8.58 20.41
N ASN A 422 -5.57 8.96 20.07
CA ASN A 422 -5.13 10.33 20.23
C ASN A 422 -4.90 10.98 18.88
N ASP A 423 -5.95 11.63 18.36
CA ASP A 423 -5.94 12.24 17.04
C ASP A 423 -5.43 11.26 15.98
N TRP A 424 -5.95 10.03 16.01
CA TRP A 424 -5.56 9.04 15.02
C TRP A 424 -6.31 9.28 13.72
N ALA A 425 -5.57 9.38 12.62
CA ALA A 425 -6.17 9.73 11.33
C ALA A 425 -6.64 8.53 10.51
N PHE A 426 -7.73 7.90 10.93
CA PHE A 426 -8.28 6.75 10.19
C PHE A 426 -8.53 7.16 8.75
N MET A 427 -8.02 6.40 7.79
CA MET A 427 -8.10 6.82 6.38
C MET A 427 -8.89 5.83 5.53
N THR A 428 -9.69 6.37 4.61
CA THR A 428 -10.36 5.52 3.65
C THR A 428 -10.09 5.98 2.22
N THR A 429 -9.90 4.99 1.34
CA THR A 429 -9.75 5.20 -0.10
C THR A 429 -11.04 4.91 -0.85
N HIS A 430 -12.05 4.46 -0.12
CA HIS A 430 -13.25 3.91 -0.74
C HIS A 430 -14.19 4.96 -1.36
N SER A 431 -13.94 6.24 -1.09
CA SER A 431 -14.83 7.29 -1.62
C SER A 431 -14.11 8.11 -2.66
N TRP A 432 -13.00 7.57 -3.15
CA TRP A 432 -12.22 8.19 -4.21
C TRP A 432 -13.10 8.62 -5.40
N ASP A 433 -12.94 9.88 -5.81
CA ASP A 433 -13.66 10.53 -6.93
C ASP A 433 -15.12 10.90 -6.63
N GLU A 434 -15.59 10.64 -5.41
CA GLU A 434 -16.92 11.10 -4.99
C GLU A 434 -16.91 12.59 -4.66
N ASP A 435 -18.09 13.20 -4.76
CA ASP A 435 -18.30 14.56 -4.30
C ASP A 435 -18.52 14.49 -2.79
N PRO A 436 -17.66 15.13 -1.99
CA PRO A 436 -17.80 14.98 -0.54
C PRO A 436 -18.75 15.97 0.12
N SER A 437 -19.46 16.76 -0.67
CA SER A 437 -20.43 17.72 -0.11
C SER A 437 -21.62 16.97 0.45
N GLY A 438 -22.15 17.38 1.60
CA GLY A 438 -23.34 16.76 2.14
C GLY A 438 -23.15 16.09 3.50
N GLU A 439 -24.00 15.10 3.78
CA GLU A 439 -24.02 14.49 5.09
C GLU A 439 -22.98 13.37 5.25
N TRP A 440 -22.09 13.54 6.21
CA TRP A 440 -21.18 12.49 6.59
C TRP A 440 -21.71 11.89 7.89
N VAL A 441 -21.56 10.58 8.06
CA VAL A 441 -21.99 9.93 9.30
C VAL A 441 -20.85 9.13 9.89
N LEU A 442 -20.54 9.39 11.16
CA LEU A 442 -19.59 8.57 11.90
C LEU A 442 -20.34 7.69 12.90
N GLU A 443 -20.02 6.39 12.89
CA GLU A 443 -20.64 5.43 13.79
C GLU A 443 -19.56 4.81 14.65
N ILE A 444 -19.75 4.87 15.97
CA ILE A 444 -18.85 4.22 16.91
C ILE A 444 -19.66 3.27 17.76
N GLU A 445 -19.34 1.98 17.75
CA GLU A 445 -20.13 1.06 18.55
C GLU A 445 -19.30 0.08 19.38
N ASN A 446 -19.90 -0.31 20.49
CA ASN A 446 -19.38 -1.35 21.35
C ASN A 446 -19.84 -2.70 20.82
N THR A 447 -18.92 -3.50 20.32
CA THR A 447 -19.26 -4.78 19.71
C THR A 447 -19.35 -5.91 20.75
N SER A 448 -19.11 -5.60 22.02
CA SER A 448 -19.15 -6.64 23.05
C SER A 448 -20.33 -6.43 23.96
N GLU A 449 -20.58 -7.41 24.84
CA GLU A 449 -21.68 -7.31 25.79
C GLU A 449 -21.24 -6.60 27.06
N ALA A 450 -19.95 -6.27 27.16
CA ALA A 450 -19.42 -5.59 28.33
C ALA A 450 -20.01 -4.21 28.51
N ASN A 451 -20.07 -3.75 29.75
CA ASN A 451 -20.53 -2.39 30.01
C ASN A 451 -19.36 -1.43 29.87
N ASN A 452 -19.05 -1.07 28.64
CA ASN A 452 -17.89 -0.22 28.38
C ASN A 452 -18.27 1.26 28.41
N TYR A 453 -17.27 2.12 28.54
CA TYR A 453 -17.51 3.56 28.69
C TYR A 453 -16.39 4.38 28.07
N GLY A 454 -16.74 5.56 27.57
CA GLY A 454 -15.77 6.45 27.00
C GLY A 454 -16.40 7.65 26.34
N THR A 455 -15.56 8.54 25.82
CA THR A 455 -16.01 9.82 25.27
C THR A 455 -15.24 10.19 24.02
N LEU A 456 -15.96 10.56 22.96
CA LEU A 456 -15.36 11.15 21.77
C LEU A 456 -15.20 12.66 21.99
N THR A 457 -13.96 13.15 21.95
CA THR A 457 -13.74 14.58 22.24
C THR A 457 -13.33 15.39 21.02
N LYS A 458 -12.92 14.73 19.94
CA LYS A 458 -12.62 15.44 18.70
C LYS A 458 -12.81 14.55 17.48
N PHE A 459 -13.45 15.13 16.47
CA PHE A 459 -13.63 14.48 15.18
C PHE A 459 -13.35 15.53 14.12
N THR A 460 -12.16 15.46 13.54
CA THR A 460 -11.78 16.29 12.42
C THR A 460 -11.95 15.49 11.15
N LEU A 461 -12.85 15.94 10.27
CA LEU A 461 -12.94 15.33 8.96
C LEU A 461 -11.98 16.06 8.03
N VAL A 462 -11.00 15.33 7.51
CA VAL A 462 -10.03 15.93 6.59
C VAL A 462 -10.22 15.35 5.20
N LEU A 463 -10.58 16.22 4.27
CA LEU A 463 -10.79 15.83 2.89
C LEU A 463 -9.61 16.29 2.03
N TYR A 464 -9.10 15.40 1.18
CA TYR A 464 -8.10 15.72 0.16
C TYR A 464 -8.71 15.53 -1.21
N GLY A 465 -8.28 16.32 -2.19
CA GLY A 465 -8.75 16.13 -3.55
C GLY A 465 -8.69 17.40 -4.39
N THR A 466 -9.56 17.47 -5.39
CA THR A 466 -9.52 18.56 -6.36
C THR A 466 -10.93 19.07 -6.63
N ALA A 467 -11.07 20.04 -7.53
CA ALA A 467 -12.39 20.47 -7.97
C ALA A 467 -12.51 20.46 -9.50
N SER A 468 -11.87 19.48 -10.15
CA SER A 468 -11.90 19.43 -11.61
C SER A 468 -11.49 18.07 -12.18
N GLY A 469 -11.97 17.78 -13.38
CA GLY A 469 -11.43 16.68 -14.18
C GLY A 469 -12.14 15.34 -14.09
N SER A 470 -13.36 15.35 -13.56
CA SER A 470 -14.08 14.10 -13.30
C SER A 470 -14.50 13.32 -14.56
N LEU A 471 -14.55 12.00 -14.40
CA LEU A 471 -15.00 11.10 -15.46
C LEU A 471 -16.45 10.70 -15.22
N VAL A 472 -17.14 10.29 -16.27
CA VAL A 472 -18.47 9.69 -16.09
C VAL A 472 -18.30 8.39 -15.30
N PRO A 473 -19.04 8.25 -14.19
CA PRO A 473 -18.94 7.09 -13.29
C PRO A 473 -19.02 5.74 -14.01
N ARG A 474 -18.53 4.70 -13.33
CA ARG A 474 -18.48 3.34 -13.88
C ARG A 474 -19.84 2.65 -13.85
N ARG B 2 10.25 -2.89 14.54
CA ARG B 2 9.82 -3.06 13.13
C ARG B 2 10.30 -4.46 12.68
N VAL B 3 9.37 -5.21 12.07
CA VAL B 3 9.65 -6.60 11.64
C VAL B 3 9.36 -6.78 10.15
N ARG B 4 9.95 -7.86 9.61
CA ARG B 4 9.75 -8.23 8.20
C ARG B 4 8.30 -8.63 8.10
#